data_3F59
#
_entry.id   3F59
#
_cell.length_a   38.040
_cell.length_b   204.110
_cell.length_c   43.070
_cell.angle_alpha   90.00
_cell.angle_beta   113.14
_cell.angle_gamma   90.00
#
_symmetry.space_group_name_H-M   'P 1 21 1'
#
loop_
_entity.id
_entity.type
_entity.pdbx_description
1 polymer Ankyrin-1
2 non-polymer 'BROMIDE ION'
3 water water
#
_entity_poly.entity_id   1
_entity_poly.type   'polypeptide(L)'
_entity_poly.pdbx_seq_one_letter_code
;SNATGFLVSFMVDARGGSMRGSRHNGLRVVIPPRTCAAPTRITCRLVKPQKLSTPPPLAEEEGLASRIIALGPTGAQFLS
PVIVEIPHFASHGRGDRELVVLRSENGSVWKEHRSRYGESYLDQILNGMDEELGSLEELEKKRVCRIITTDFPLYFVIMS
R
;
_entity_poly.pdbx_strand_id   A,B,C,D
#
loop_
_chem_comp.id
_chem_comp.type
_chem_comp.name
_chem_comp.formula
BR non-polymer 'BROMIDE ION' 'Br -1'
#
# COMPACT_ATOMS: atom_id res chain seq x y z
N GLY A 5 -3.26 -24.39 34.13
CA GLY A 5 -4.46 -25.11 33.59
C GLY A 5 -5.78 -24.49 33.98
N PHE A 6 -6.02 -24.35 35.28
CA PHE A 6 -7.33 -23.96 35.77
C PHE A 6 -7.62 -22.46 35.68
N LEU A 7 -8.78 -22.13 35.10
CA LEU A 7 -9.27 -20.75 35.07
C LEU A 7 -10.00 -20.41 36.39
N VAL A 8 -10.73 -21.37 36.93
CA VAL A 8 -11.42 -21.26 38.20
C VAL A 8 -10.96 -22.39 39.15
N SER A 9 -10.67 -22.06 40.39
CA SER A 9 -10.43 -23.08 41.44
C SER A 9 -10.65 -22.45 42.82
N PHE A 10 -11.64 -22.95 43.54
CA PHE A 10 -11.98 -22.43 44.86
C PHE A 10 -12.73 -23.47 45.67
N MET A 11 -12.53 -23.40 46.99
CA MET A 11 -13.30 -24.16 47.96
C MET A 11 -14.70 -23.57 48.17
N VAL A 12 -15.71 -24.42 48.25
CA VAL A 12 -17.03 -23.97 48.60
C VAL A 12 -17.68 -25.00 49.53
N ASP A 13 -18.60 -24.54 50.36
CA ASP A 13 -19.35 -25.44 51.22
C ASP A 13 -20.82 -25.05 51.18
N ALA A 14 -21.60 -25.45 52.18
CA ALA A 14 -23.04 -25.23 52.18
C ALA A 14 -23.40 -23.74 52.19
N ARG A 15 -22.48 -22.88 52.53
CA ARG A 15 -22.76 -21.44 52.55
C ARG A 15 -22.83 -20.89 51.11
N GLY A 16 -22.26 -21.62 50.16
CA GLY A 16 -22.18 -21.18 48.76
C GLY A 16 -21.00 -20.27 48.51
N GLY A 17 -20.63 -20.12 47.24
CA GLY A 17 -19.56 -19.21 46.84
C GLY A 17 -19.53 -19.06 45.33
N SER A 18 -18.59 -18.27 44.83
CA SER A 18 -18.43 -18.11 43.39
C SER A 18 -17.05 -17.65 43.07
N MET A 19 -16.67 -17.76 41.81
CA MET A 19 -15.39 -17.25 41.36
C MET A 19 -15.46 -16.94 39.86
N ARG A 20 -14.94 -15.77 39.51
CA ARG A 20 -14.78 -15.39 38.11
C ARG A 20 -13.44 -15.94 37.63
N GLY A 21 -13.43 -16.46 36.41
CA GLY A 21 -12.20 -16.93 35.79
C GLY A 21 -11.11 -15.86 35.72
N SER A 22 -9.86 -16.29 35.71
CA SER A 22 -8.72 -15.39 35.79
C SER A 22 -8.52 -14.50 34.57
N ARG A 23 -9.09 -14.88 33.43
CA ARG A 23 -9.01 -13.99 32.24
C ARG A 23 -10.05 -12.88 32.29
N HIS A 24 -10.95 -12.96 33.27
CA HIS A 24 -11.82 -11.84 33.59
C HIS A 24 -12.58 -11.37 32.33
N ASN A 25 -13.22 -12.31 31.64
CA ASN A 25 -13.94 -11.97 30.41
C ASN A 25 -15.26 -12.72 30.26
N GLY A 26 -15.88 -13.09 31.39
CA GLY A 26 -17.23 -13.65 31.38
C GLY A 26 -17.38 -15.05 31.95
N LEU A 27 -16.27 -15.77 32.08
CA LEU A 27 -16.32 -17.11 32.62
C LEU A 27 -16.46 -16.98 34.12
N ARG A 28 -17.42 -17.72 34.67
CA ARG A 28 -17.78 -17.56 36.07
C ARG A 28 -18.55 -18.75 36.58
N VAL A 29 -18.21 -19.20 37.77
CA VAL A 29 -18.96 -20.27 38.43
C VAL A 29 -19.62 -19.80 39.72
N VAL A 30 -20.93 -20.00 39.81
CA VAL A 30 -21.74 -19.61 40.93
C VAL A 30 -22.35 -20.88 41.52
N ILE A 31 -22.00 -21.15 42.77
CA ILE A 31 -22.48 -22.30 43.55
C ILE A 31 -23.36 -21.75 44.67
N PRO A 32 -24.70 -21.70 44.49
CA PRO A 32 -25.51 -21.04 45.51
C PRO A 32 -25.56 -21.77 46.86
N PRO A 33 -25.96 -21.06 47.90
CA PRO A 33 -26.07 -21.66 49.25
C PRO A 33 -26.89 -22.95 49.21
N ARG A 34 -26.40 -23.96 49.93
CA ARG A 34 -27.11 -25.24 50.15
C ARG A 34 -27.07 -26.23 48.97
N THR A 35 -26.49 -25.82 47.84
CA THR A 35 -26.36 -26.71 46.70
C THR A 35 -25.29 -27.76 46.93
N CYS A 36 -24.38 -27.42 47.83
CA CYS A 36 -23.20 -28.19 48.05
C CYS A 36 -23.11 -28.57 49.53
N ALA A 37 -23.45 -29.83 49.85
CA ALA A 37 -23.55 -30.29 51.24
C ALA A 37 -22.20 -30.21 51.95
N ALA A 38 -21.22 -30.91 51.41
CA ALA A 38 -19.88 -30.97 52.03
C ALA A 38 -18.88 -30.08 51.28
N PRO A 39 -17.77 -29.74 51.95
CA PRO A 39 -16.70 -28.96 51.34
C PRO A 39 -16.12 -29.59 50.07
N THR A 40 -16.03 -28.79 49.00
CA THR A 40 -15.65 -29.27 47.69
C THR A 40 -14.77 -28.23 47.00
N ARG A 41 -13.73 -28.67 46.31
CA ARG A 41 -12.96 -27.75 45.49
C ARG A 41 -13.60 -27.72 44.11
N ILE A 42 -14.16 -26.56 43.75
CA ILE A 42 -14.79 -26.37 42.43
C ILE A 42 -13.73 -25.86 41.46
N THR A 43 -13.61 -26.49 40.29
CA THR A 43 -12.68 -26.03 39.26
C THR A 43 -13.31 -25.88 37.87
N CYS A 44 -12.61 -25.16 36.99
CA CYS A 44 -12.96 -25.08 35.59
C CYS A 44 -11.70 -24.86 34.76
N ARG A 45 -11.54 -25.67 33.71
CA ARG A 45 -10.47 -25.49 32.74
C ARG A 45 -11.05 -25.64 31.33
N LEU A 46 -10.47 -24.93 30.36
CA LEU A 46 -10.96 -24.99 28.98
C LEU A 46 -10.03 -25.89 28.17
N VAL A 47 -10.59 -26.71 27.29
CA VAL A 47 -9.83 -27.67 26.47
C VAL A 47 -10.02 -27.38 24.97
N LYS A 48 -8.96 -27.62 24.19
CA LYS A 48 -9.03 -27.45 22.74
C LYS A 48 -9.63 -28.73 22.14
N PRO A 49 -10.70 -28.59 21.32
CA PRO A 49 -11.42 -29.75 20.78
C PRO A 49 -10.55 -30.92 20.29
N GLN A 50 -9.35 -30.63 19.82
CA GLN A 50 -8.42 -31.63 19.31
C GLN A 50 -7.72 -32.47 20.40
N LYS A 51 -7.66 -31.93 21.61
CA LYS A 51 -7.21 -32.69 22.79
C LYS A 51 -8.17 -33.84 23.14
N LEU A 52 -9.37 -33.82 22.54
CA LEU A 52 -10.40 -34.84 22.80
C LEU A 52 -10.28 -36.04 21.87
N SER A 53 -10.60 -37.22 22.40
CA SER A 53 -10.65 -38.47 21.63
C SER A 53 -11.89 -38.53 20.75
N THR A 54 -13.03 -38.06 21.29
CA THR A 54 -14.29 -37.98 20.54
C THR A 54 -14.83 -36.55 20.60
N PRO A 55 -14.45 -35.73 19.61
CA PRO A 55 -14.95 -34.36 19.62
C PRO A 55 -16.45 -34.29 19.30
N PRO A 56 -17.09 -33.16 19.57
CA PRO A 56 -18.50 -33.03 19.22
C PRO A 56 -18.72 -33.21 17.72
N PRO A 57 -19.51 -34.22 17.32
CA PRO A 57 -19.81 -34.38 15.91
C PRO A 57 -20.81 -33.34 15.43
N LEU A 58 -20.43 -32.55 14.44
CA LEU A 58 -21.25 -31.44 13.98
C LEU A 58 -21.86 -31.73 12.61
N ALA A 59 -23.10 -31.30 12.41
CA ALA A 59 -23.73 -31.34 11.10
C ALA A 59 -23.18 -30.18 10.28
N GLU A 60 -23.44 -30.19 8.98
CA GLU A 60 -22.87 -29.19 8.07
C GLU A 60 -23.05 -27.77 8.59
N GLU A 61 -24.24 -27.45 9.08
CA GLU A 61 -24.55 -26.08 9.47
C GLU A 61 -24.15 -25.76 10.91
N GLU A 62 -23.62 -26.74 11.63
CA GLU A 62 -23.29 -26.57 13.05
C GLU A 62 -21.80 -26.28 13.23
N GLY A 63 -21.47 -25.39 14.17
CA GLY A 63 -20.08 -25.12 14.55
C GLY A 63 -19.93 -24.99 16.06
N LEU A 64 -18.69 -25.04 16.54
CA LEU A 64 -18.43 -24.80 17.95
C LEU A 64 -18.38 -23.30 18.23
N ALA A 65 -19.14 -22.86 19.23
CA ALA A 65 -19.23 -21.47 19.64
C ALA A 65 -18.40 -21.18 20.90
N SER A 66 -17.79 -22.20 21.48
CA SER A 66 -16.91 -22.02 22.63
C SER A 66 -15.83 -23.06 22.59
N ARG A 67 -14.87 -22.93 23.50
CA ARG A 67 -13.97 -24.02 23.80
C ARG A 67 -14.70 -25.01 24.71
N ILE A 68 -14.13 -26.20 24.82
CA ILE A 68 -14.70 -27.27 25.64
C ILE A 68 -14.40 -26.94 27.10
N ILE A 69 -15.46 -27.00 27.89
CA ILE A 69 -15.46 -26.62 29.29
CA ILE A 69 -15.43 -26.63 29.30
C ILE A 69 -15.35 -27.90 30.11
N ALA A 70 -14.34 -28.02 30.97
CA ALA A 70 -14.24 -29.15 31.91
C ALA A 70 -14.43 -28.66 33.34
N LEU A 71 -15.59 -28.95 33.93
CA LEU A 71 -15.88 -28.51 35.31
C LEU A 71 -15.52 -29.63 36.30
N GLY A 72 -14.90 -29.26 37.41
CA GLY A 72 -14.49 -30.22 38.43
C GLY A 72 -15.14 -29.96 39.78
N PRO A 73 -15.40 -31.02 40.57
CA PRO A 73 -15.07 -32.41 40.26
C PRO A 73 -16.00 -33.00 39.21
N THR A 74 -15.43 -33.71 38.23
CA THR A 74 -16.22 -34.40 37.22
C THR A 74 -17.22 -35.33 37.88
N GLY A 75 -18.50 -35.17 37.54
CA GLY A 75 -19.56 -36.00 38.09
C GLY A 75 -20.20 -35.50 39.36
N ALA A 76 -19.78 -34.34 39.86
CA ALA A 76 -20.38 -33.77 41.06
C ALA A 76 -21.87 -33.66 40.85
N GLN A 77 -22.62 -33.96 41.91
CA GLN A 77 -24.07 -33.89 41.90
C GLN A 77 -24.55 -32.95 43.02
N PHE A 78 -25.11 -31.80 42.63
CA PHE A 78 -25.54 -30.78 43.58
C PHE A 78 -27.00 -30.98 43.99
N LEU A 79 -27.34 -30.46 45.17
CA LEU A 79 -28.65 -30.70 45.79
C LEU A 79 -29.71 -29.82 45.16
N SER A 80 -29.24 -28.75 44.52
CA SER A 80 -30.05 -27.84 43.72
C SER A 80 -29.12 -27.27 42.64
N PRO A 81 -29.70 -26.59 41.62
CA PRO A 81 -28.87 -26.15 40.49
C PRO A 81 -27.81 -25.11 40.81
N VAL A 82 -26.68 -25.23 40.12
CA VAL A 82 -25.61 -24.24 40.13
C VAL A 82 -25.59 -23.53 38.76
N ILE A 83 -24.87 -22.41 38.68
CA ILE A 83 -24.84 -21.58 37.49
C ILE A 83 -23.40 -21.50 37.01
N VAL A 84 -23.22 -21.67 35.70
CA VAL A 84 -21.92 -21.52 35.04
C VAL A 84 -22.10 -20.64 33.82
N GLU A 85 -21.39 -19.51 33.80
CA GLU A 85 -21.44 -18.58 32.69
C GLU A 85 -20.18 -18.77 31.87
N ILE A 86 -20.33 -18.89 30.55
CA ILE A 86 -19.24 -19.22 29.65
CA ILE A 86 -19.24 -19.21 29.65
C ILE A 86 -19.23 -18.26 28.45
N PRO A 87 -18.06 -17.64 28.16
CA PRO A 87 -18.01 -16.78 26.99
C PRO A 87 -18.04 -17.60 25.71
N HIS A 88 -18.70 -17.06 24.68
CA HIS A 88 -18.74 -17.70 23.38
C HIS A 88 -18.16 -16.73 22.36
N PHE A 89 -17.71 -17.28 21.23
CA PHE A 89 -17.08 -16.50 20.17
C PHE A 89 -18.11 -15.62 19.47
N GLU A 98 -28.30 -19.50 16.30
CA GLU A 98 -28.77 -20.01 17.59
C GLU A 98 -27.68 -20.78 18.34
N LEU A 99 -27.63 -20.61 19.66
CA LEU A 99 -26.62 -21.25 20.49
C LEU A 99 -27.23 -22.34 21.37
N VAL A 100 -26.65 -23.55 21.32
CA VAL A 100 -27.11 -24.67 22.15
C VAL A 100 -25.97 -25.19 23.01
N VAL A 101 -26.30 -25.68 24.21
CA VAL A 101 -25.32 -26.25 25.09
C VAL A 101 -25.34 -27.74 24.88
N LEU A 102 -24.19 -28.30 24.51
CA LEU A 102 -23.98 -29.74 24.49
C LEU A 102 -23.17 -30.17 25.70
N ARG A 103 -23.37 -31.42 26.11
CA ARG A 103 -22.64 -32.00 27.21
C ARG A 103 -22.28 -33.43 26.87
N SER A 104 -21.18 -33.89 27.43
CA SER A 104 -20.76 -35.28 27.34
C SER A 104 -20.44 -35.76 28.75
N GLU A 105 -21.15 -36.80 29.20
CA GLU A 105 -21.00 -37.28 30.56
C GLU A 105 -19.62 -37.86 30.84
N ASN A 106 -19.12 -38.72 29.94
CA ASN A 106 -17.80 -39.34 30.10
C ASN A 106 -16.82 -39.15 28.93
N GLY A 107 -17.24 -38.40 27.90
CA GLY A 107 -16.38 -38.07 26.77
C GLY A 107 -16.69 -38.83 25.49
N SER A 108 -17.60 -39.81 25.56
CA SER A 108 -17.88 -40.69 24.42
C SER A 108 -19.09 -40.26 23.60
N VAL A 109 -20.15 -39.77 24.26
CA VAL A 109 -21.36 -39.31 23.58
C VAL A 109 -21.66 -37.86 23.91
N TRP A 110 -22.16 -37.12 22.93
CA TRP A 110 -22.53 -35.73 23.10
C TRP A 110 -24.04 -35.59 22.92
N LYS A 111 -24.68 -34.87 23.85
CA LYS A 111 -26.11 -34.60 23.73
C LYS A 111 -26.42 -33.19 24.18
N GLU A 112 -27.64 -32.74 23.87
CA GLU A 112 -28.08 -31.41 24.25
C GLU A 112 -28.25 -31.37 25.76
N HIS A 113 -27.76 -30.30 26.38
CA HIS A 113 -28.09 -30.01 27.77
C HIS A 113 -29.33 -29.15 27.77
N ARG A 114 -30.35 -29.57 28.50
CA ARG A 114 -31.47 -28.67 28.76
C ARG A 114 -31.67 -28.55 30.27
N SER A 115 -31.65 -27.31 30.78
CA SER A 115 -32.00 -27.05 32.17
C SER A 115 -33.50 -27.27 32.34
N ARG A 116 -33.86 -28.19 33.23
CA ARG A 116 -35.27 -28.46 33.50
C ARG A 116 -35.89 -27.45 34.47
N TYR A 117 -35.06 -26.56 35.02
CA TYR A 117 -35.53 -25.42 35.80
C TYR A 117 -35.58 -24.20 34.90
N GLY A 118 -34.42 -23.84 34.36
CA GLY A 118 -34.31 -22.75 33.40
C GLY A 118 -34.36 -21.37 34.02
N GLU A 119 -34.30 -20.36 33.16
CA GLU A 119 -34.07 -18.98 33.54
C GLU A 119 -35.16 -18.35 34.40
N SER A 120 -36.39 -18.86 34.33
CA SER A 120 -37.49 -18.25 35.07
C SER A 120 -37.44 -18.51 36.59
N TYR A 121 -36.59 -19.43 37.02
CA TYR A 121 -36.44 -19.75 38.45
C TYR A 121 -35.08 -19.35 38.97
N LEU A 122 -34.50 -18.30 38.40
CA LEU A 122 -33.12 -17.93 38.70
C LEU A 122 -33.00 -17.48 40.16
N ASP A 123 -33.91 -16.62 40.58
CA ASP A 123 -33.91 -16.15 41.97
C ASP A 123 -34.03 -17.27 42.99
N GLN A 124 -34.83 -18.29 42.68
CA GLN A 124 -35.04 -19.41 43.60
C GLN A 124 -33.78 -20.27 43.64
N ILE A 125 -33.11 -20.37 42.51
CA ILE A 125 -31.88 -21.12 42.38
C ILE A 125 -30.77 -20.45 43.20
N LEU A 126 -30.76 -19.12 43.23
CA LEU A 126 -29.71 -18.36 43.90
C LEU A 126 -29.82 -18.44 45.42
N ASN A 127 -31.04 -18.70 45.90
CA ASN A 127 -31.28 -19.03 47.30
C ASN A 127 -30.72 -17.99 48.25
N GLY A 128 -31.08 -16.73 48.01
CA GLY A 128 -30.63 -15.61 48.83
C GLY A 128 -29.23 -15.09 48.56
N MET A 129 -28.46 -15.76 47.71
CA MET A 129 -27.04 -15.43 47.51
C MET A 129 -26.85 -13.97 47.15
N ASP A 130 -25.78 -13.36 47.66
CA ASP A 130 -25.48 -11.95 47.40
C ASP A 130 -24.67 -11.86 46.12
N GLU A 131 -25.29 -12.23 45.01
CA GLU A 131 -24.64 -12.30 43.69
C GLU A 131 -25.55 -11.68 42.67
N GLU A 132 -24.98 -10.92 41.74
CA GLU A 132 -25.73 -10.23 40.72
C GLU A 132 -25.58 -10.98 39.39
N LEU A 133 -26.69 -11.53 38.91
CA LEU A 133 -26.71 -12.19 37.62
C LEU A 133 -27.44 -11.27 36.66
N GLY A 134 -26.83 -11.00 35.51
CA GLY A 134 -27.39 -10.09 34.51
C GLY A 134 -28.39 -10.78 33.63
N SER A 135 -29.27 -10.01 33.00
CA SER A 135 -30.31 -10.59 32.17
C SER A 135 -29.74 -11.34 30.98
N LEU A 136 -30.63 -11.98 30.21
CA LEU A 136 -30.22 -12.73 29.02
C LEU A 136 -29.75 -11.77 27.92
N GLU A 137 -30.46 -10.66 27.74
CA GLU A 137 -30.03 -9.61 26.81
C GLU A 137 -28.68 -9.01 27.19
N GLU A 138 -28.44 -8.85 28.49
CA GLU A 138 -27.15 -8.36 28.96
C GLU A 138 -26.05 -9.41 28.66
N LEU A 139 -26.40 -10.69 28.76
CA LEU A 139 -25.46 -11.76 28.44
C LEU A 139 -25.22 -11.83 26.92
N GLU A 140 -26.28 -11.75 26.13
CA GLU A 140 -26.17 -11.61 24.68
C GLU A 140 -25.14 -10.56 24.30
N LYS A 141 -25.32 -9.35 24.82
CA LYS A 141 -24.42 -8.23 24.53
C LYS A 141 -22.96 -8.55 24.84
N LYS A 142 -22.72 -9.16 26.00
CA LYS A 142 -21.37 -9.56 26.40
C LYS A 142 -20.90 -10.83 25.71
N ARG A 143 -21.73 -11.44 24.85
CA ARG A 143 -21.43 -12.76 24.29
C ARG A 143 -21.10 -13.81 25.37
N VAL A 144 -22.01 -13.99 26.31
CA VAL A 144 -21.87 -14.95 27.38
C VAL A 144 -23.13 -15.82 27.47
N CYS A 145 -22.92 -17.12 27.64
CA CYS A 145 -23.98 -18.10 27.79
C CYS A 145 -24.02 -18.58 29.25
N ARG A 146 -25.24 -18.68 29.78
CA ARG A 146 -25.46 -19.19 31.12
C ARG A 146 -25.99 -20.61 31.09
N ILE A 147 -25.23 -21.51 31.69
CA ILE A 147 -25.60 -22.89 31.85
C ILE A 147 -26.09 -23.07 33.30
N ILE A 148 -27.36 -23.47 33.45
CA ILE A 148 -27.91 -23.92 34.74
C ILE A 148 -27.86 -25.46 34.78
N THR A 149 -27.18 -26.03 35.79
CA THR A 149 -27.04 -27.50 35.88
C THR A 149 -27.02 -27.98 37.34
N THR A 150 -27.55 -29.18 37.58
CA THR A 150 -27.47 -29.81 38.93
C THR A 150 -26.30 -30.78 39.04
N ASP A 151 -25.59 -31.00 37.93
CA ASP A 151 -24.40 -31.83 37.93
C ASP A 151 -23.30 -31.34 36.98
N PHE A 152 -22.10 -31.87 37.16
CA PHE A 152 -20.98 -31.57 36.28
C PHE A 152 -20.64 -32.77 35.41
N PRO A 153 -20.89 -32.68 34.10
CA PRO A 153 -20.43 -33.74 33.20
C PRO A 153 -18.96 -33.57 32.87
N LEU A 154 -18.29 -34.58 32.29
CA LEU A 154 -16.92 -34.37 31.89
C LEU A 154 -16.79 -33.06 31.08
N TYR A 155 -17.66 -32.84 30.09
CA TYR A 155 -17.57 -31.64 29.25
C TYR A 155 -18.88 -30.92 29.01
N PHE A 156 -18.79 -29.60 28.88
CA PHE A 156 -19.79 -28.79 28.18
C PHE A 156 -19.08 -28.16 26.98
N VAL A 157 -19.86 -27.74 25.99
CA VAL A 157 -19.39 -26.90 24.89
C VAL A 157 -20.59 -26.19 24.30
N ILE A 158 -20.40 -24.95 23.81
CA ILE A 158 -21.47 -24.20 23.15
C ILE A 158 -21.38 -24.43 21.64
N MET A 159 -22.53 -24.71 21.04
CA MET A 159 -22.59 -25.07 19.64
C MET A 159 -23.51 -24.07 18.97
N SER A 160 -23.16 -23.65 17.75
CA SER A 160 -24.07 -22.81 16.95
C SER A 160 -24.74 -23.65 15.88
N ARG A 161 -25.96 -23.26 15.49
CA ARG A 161 -26.74 -23.97 14.46
C ARG A 161 -27.82 -23.10 13.82
N PHE B 6 10.10 15.59 -39.52
CA PHE B 6 10.72 16.92 -39.26
C PHE B 6 9.92 17.69 -38.23
N LEU B 7 10.59 18.21 -37.22
CA LEU B 7 9.94 19.08 -36.23
C LEU B 7 9.81 20.51 -36.76
N VAL B 8 10.84 20.94 -37.49
CA VAL B 8 10.88 22.23 -38.15
C VAL B 8 11.03 22.00 -39.65
N SER B 9 10.29 22.77 -40.45
CA SER B 9 10.43 22.76 -41.91
C SER B 9 9.80 24.00 -42.49
N PHE B 10 10.62 24.90 -43.05
CA PHE B 10 10.13 26.14 -43.64
C PHE B 10 11.10 26.71 -44.66
N MET B 11 10.52 27.42 -45.64
CA MET B 11 11.28 28.24 -46.58
C MET B 11 11.77 29.52 -45.90
N VAL B 12 13.03 29.88 -46.13
CA VAL B 12 13.50 31.21 -45.74
C VAL B 12 14.30 31.84 -46.88
N ASP B 13 14.40 33.16 -46.89
CA ASP B 13 15.31 33.83 -47.82
C ASP B 13 16.10 34.95 -47.12
N ALA B 14 16.63 35.89 -47.90
CA ALA B 14 17.47 36.97 -47.39
C ALA B 14 16.75 37.79 -46.34
N ARG B 15 15.43 37.74 -46.32
CA ARG B 15 14.68 38.54 -45.34
C ARG B 15 14.75 37.95 -43.93
N GLY B 16 15.21 36.70 -43.83
CA GLY B 16 15.22 36.01 -42.53
C GLY B 16 13.88 35.44 -42.17
N GLY B 17 13.88 34.55 -41.19
CA GLY B 17 12.63 34.00 -40.68
C GLY B 17 12.93 33.00 -39.59
N SER B 18 11.88 32.48 -38.97
CA SER B 18 12.06 31.50 -37.89
C SER B 18 10.91 30.52 -37.85
N MET B 19 11.06 29.47 -37.06
CA MET B 19 10.02 28.49 -36.84
C MET B 19 10.33 27.69 -35.59
N ARG B 20 9.32 27.58 -34.72
CA ARG B 20 9.37 26.72 -33.54
C ARG B 20 8.92 25.33 -33.91
N GLY B 21 9.50 24.33 -33.25
CA GLY B 21 9.11 22.93 -33.46
C GLY B 21 7.69 22.64 -33.03
N SER B 22 7.11 21.62 -33.63
CA SER B 22 5.68 21.34 -33.50
C SER B 22 5.24 20.81 -32.13
N ARG B 23 6.20 20.54 -31.24
CA ARG B 23 5.89 20.20 -29.85
C ARG B 23 5.82 21.44 -28.96
N HIS B 24 6.07 22.61 -29.53
CA HIS B 24 6.00 23.87 -28.78
C HIS B 24 6.66 23.77 -27.40
N ASN B 25 7.88 23.25 -27.36
CA ASN B 25 8.55 23.03 -26.07
C ASN B 25 10.00 23.53 -26.04
N GLY B 26 10.33 24.50 -26.88
CA GLY B 26 11.63 25.15 -26.83
C GLY B 26 12.52 24.93 -28.04
N LEU B 27 12.17 23.96 -28.89
CA LEU B 27 12.91 23.78 -30.14
C LEU B 27 12.52 24.89 -31.10
N ARG B 28 13.52 25.57 -31.66
CA ARG B 28 13.29 26.73 -32.50
C ARG B 28 14.52 27.01 -33.37
N VAL B 29 14.29 27.33 -34.65
CA VAL B 29 15.38 27.72 -35.58
C VAL B 29 15.13 29.16 -35.98
N VAL B 30 16.14 30.03 -35.80
CA VAL B 30 16.03 31.47 -36.10
C VAL B 30 17.13 31.81 -37.14
N ILE B 31 16.69 32.27 -38.32
CA ILE B 31 17.57 32.54 -39.45
C ILE B 31 17.49 34.04 -39.67
N PRO B 32 18.49 34.79 -39.13
CA PRO B 32 18.33 36.24 -39.21
C PRO B 32 18.42 36.77 -40.65
N PRO B 33 17.91 37.99 -40.86
CA PRO B 33 17.99 38.67 -42.16
C PRO B 33 19.40 38.65 -42.69
N ARG B 34 19.52 38.34 -43.97
CA ARG B 34 20.77 38.42 -44.74
C ARG B 34 21.74 37.27 -44.49
N THR B 35 21.42 36.34 -43.58
CA THR B 35 22.28 35.15 -43.37
C THR B 35 22.18 34.15 -44.52
N CYS B 36 21.03 34.17 -45.17
CA CYS B 36 20.66 33.23 -46.17
C CYS B 36 20.41 34.03 -47.47
N ALA B 37 21.37 34.00 -48.39
CA ALA B 37 21.30 34.81 -49.62
C ALA B 37 20.12 34.41 -50.51
N ALA B 38 19.95 33.10 -50.72
CA ALA B 38 18.94 32.55 -51.64
C ALA B 38 17.91 31.65 -50.95
N PRO B 39 16.68 31.55 -51.51
CA PRO B 39 15.63 30.72 -50.94
C PRO B 39 16.10 29.32 -50.58
N THR B 40 15.75 28.87 -49.36
CA THR B 40 16.28 27.63 -48.80
C THR B 40 15.21 26.99 -47.93
N ARG B 41 15.03 25.68 -48.03
CA ARG B 41 14.18 24.98 -47.06
C ARG B 41 14.99 24.57 -45.83
N ILE B 42 14.65 25.17 -44.69
CA ILE B 42 15.35 24.87 -43.44
C ILE B 42 14.56 23.80 -42.69
N THR B 43 15.25 22.75 -42.26
CA THR B 43 14.62 21.64 -41.50
C THR B 43 15.37 21.29 -40.21
N CYS B 44 14.61 20.74 -39.25
CA CYS B 44 15.19 20.14 -38.05
C CYS B 44 14.42 18.88 -37.64
N ARG B 45 15.19 17.83 -37.42
CA ARG B 45 14.73 16.51 -37.00
C ARG B 45 15.51 16.08 -35.75
N LEU B 46 14.86 15.33 -34.86
CA LEU B 46 15.51 14.73 -33.70
C LEU B 46 15.64 13.22 -33.90
N VAL B 47 16.81 12.67 -33.59
CA VAL B 47 17.13 11.27 -33.84
C VAL B 47 17.52 10.55 -32.55
N LYS B 48 17.29 9.24 -32.51
CA LYS B 48 17.75 8.41 -31.40
C LYS B 48 19.22 8.05 -31.65
N PRO B 49 20.06 8.11 -30.61
CA PRO B 49 21.47 7.73 -30.72
C PRO B 49 21.71 6.32 -31.28
N GLN B 50 20.75 5.41 -31.05
CA GLN B 50 20.84 4.03 -31.51
C GLN B 50 21.02 3.93 -33.02
N LYS B 51 20.35 4.78 -33.77
CA LYS B 51 20.45 4.74 -35.22
C LYS B 51 21.79 5.23 -35.75
N LEU B 52 22.64 5.76 -34.86
CA LEU B 52 24.03 6.06 -35.23
C LEU B 52 24.90 4.85 -34.95
N THR B 54 28.77 4.72 -35.14
CA THR B 54 29.67 5.45 -34.24
C THR B 54 29.04 6.73 -33.65
N PRO B 55 28.16 6.56 -32.62
CA PRO B 55 27.59 7.71 -31.87
C PRO B 55 28.64 8.39 -30.98
N PRO B 56 28.28 9.50 -30.32
CA PRO B 56 29.26 10.25 -29.54
C PRO B 56 29.89 9.43 -28.42
N PRO B 57 31.22 9.23 -28.46
CA PRO B 57 31.89 8.55 -27.35
C PRO B 57 31.79 9.33 -26.03
N LEU B 58 31.40 8.65 -24.97
CA LEU B 58 31.12 9.30 -23.69
C LEU B 58 31.99 8.72 -22.60
N ALA B 59 32.84 9.56 -22.03
CA ALA B 59 33.67 9.12 -20.92
C ALA B 59 32.77 8.81 -19.73
N GLU B 60 33.30 8.09 -18.74
CA GLU B 60 32.58 7.95 -17.49
C GLU B 60 32.22 9.35 -17.05
N GLU B 61 31.04 9.52 -16.49
CA GLU B 61 30.60 10.81 -15.95
C GLU B 61 30.14 11.81 -17.02
N GLU B 62 30.19 11.42 -18.29
CA GLU B 62 29.57 12.21 -19.36
C GLU B 62 28.22 11.57 -19.71
N GLY B 63 27.27 12.39 -20.15
CA GLY B 63 25.99 11.88 -20.63
C GLY B 63 25.40 12.76 -21.70
N LEU B 64 24.58 12.15 -22.56
CA LEU B 64 23.83 12.91 -23.54
C LEU B 64 22.70 13.66 -22.84
N ALA B 65 22.69 14.97 -23.01
CA ALA B 65 21.65 15.80 -22.40
C ALA B 65 20.55 16.16 -23.42
N SER B 66 20.60 15.57 -24.60
CA SER B 66 19.58 15.81 -25.62
C SER B 66 19.52 14.68 -26.62
N ARG B 67 18.49 14.73 -27.45
CA ARG B 67 18.42 13.93 -28.65
C ARG B 67 19.45 14.46 -29.65
N ILE B 68 19.79 13.63 -30.64
CA ILE B 68 20.66 14.03 -31.74
C ILE B 68 19.86 14.98 -32.66
N ILE B 69 20.49 16.09 -33.00
CA ILE B 69 19.83 17.19 -33.73
C ILE B 69 20.34 17.15 -35.17
N ALA B 70 19.44 17.07 -36.14
CA ALA B 70 19.82 16.95 -37.55
C ALA B 70 19.23 18.10 -38.35
N LEU B 71 20.04 19.11 -38.64
CA LEU B 71 19.56 20.36 -39.24
C LEU B 71 19.71 20.28 -40.76
N GLY B 72 18.70 20.76 -41.47
CA GLY B 72 18.74 20.72 -42.92
C GLY B 72 18.65 22.10 -43.55
N PRO B 73 19.32 22.30 -44.70
CA PRO B 73 20.10 21.29 -45.45
C PRO B 73 21.46 20.99 -44.82
N THR B 74 21.86 19.72 -44.82
CA THR B 74 23.16 19.36 -44.27
C THR B 74 24.22 20.11 -45.06
N GLY B 75 25.21 20.65 -44.36
CA GLY B 75 26.30 21.36 -45.01
C GLY B 75 25.99 22.80 -45.39
N ALA B 76 24.79 23.29 -45.08
CA ALA B 76 24.47 24.69 -45.38
C ALA B 76 25.56 25.58 -44.78
N GLN B 77 25.94 26.61 -45.52
CA GLN B 77 26.93 27.58 -45.06
C GLN B 77 26.32 28.97 -45.13
N PHE B 78 26.08 29.58 -43.96
CA PHE B 78 25.40 30.87 -43.91
C PHE B 78 26.38 32.05 -43.96
N LEU B 79 25.92 33.18 -44.51
CA LEU B 79 26.78 34.38 -44.62
C LEU B 79 27.06 35.06 -43.28
N SER B 80 26.25 34.73 -42.27
CA SER B 80 26.42 35.22 -40.90
C SER B 80 25.73 34.21 -40.00
N PRO B 81 26.01 34.26 -38.69
CA PRO B 81 25.48 33.16 -37.85
C PRO B 81 23.95 33.06 -37.75
N VAL B 82 23.46 31.83 -37.58
CA VAL B 82 22.05 31.57 -37.32
C VAL B 82 21.96 30.94 -35.92
N ILE B 83 20.74 30.81 -35.41
CA ILE B 83 20.52 30.42 -34.03
C ILE B 83 19.59 29.22 -33.99
N VAL B 84 19.94 28.25 -33.15
CA VAL B 84 19.13 27.08 -32.94
C VAL B 84 19.02 26.82 -31.46
N GLU B 85 17.79 26.80 -30.94
CA GLU B 85 17.55 26.56 -29.52
C GLU B 85 16.98 25.16 -29.41
N ILE B 86 17.56 24.37 -28.50
CA ILE B 86 17.17 22.98 -28.32
CA ILE B 86 17.19 22.96 -28.31
C ILE B 86 16.93 22.64 -26.84
N PRO B 87 15.74 22.07 -26.52
CA PRO B 87 15.54 21.67 -25.13
C PRO B 87 16.43 20.49 -24.74
N HIS B 88 16.94 20.49 -23.51
CA HIS B 88 17.73 19.38 -23.00
C HIS B 88 16.95 18.71 -21.87
N PHE B 89 17.36 17.50 -21.49
CA PHE B 89 16.65 16.74 -20.46
C PHE B 89 16.85 17.34 -19.08
N ASP B 96 26.97 19.89 -9.94
CA ASP B 96 26.40 20.74 -10.97
C ASP B 96 27.16 20.61 -12.30
N ARG B 97 26.71 19.67 -13.13
CA ARG B 97 27.36 19.38 -14.40
CA ARG B 97 27.33 19.38 -14.41
C ARG B 97 27.29 20.58 -15.35
N GLU B 98 28.09 20.50 -16.41
CA GLU B 98 28.18 21.53 -17.44
C GLU B 98 27.57 20.95 -18.72
N LEU B 99 26.88 21.79 -19.48
CA LEU B 99 26.39 21.40 -20.80
C LEU B 99 27.34 21.94 -21.87
N VAL B 100 27.70 21.06 -22.81
CA VAL B 100 28.57 21.40 -23.93
C VAL B 100 27.93 20.94 -25.23
N VAL B 101 28.05 21.74 -26.29
CA VAL B 101 27.50 21.39 -27.60
C VAL B 101 28.57 20.64 -28.39
N LEU B 102 28.22 19.44 -28.85
CA LEU B 102 29.06 18.69 -29.76
C LEU B 102 28.45 18.66 -31.15
N ARG B 103 29.32 18.59 -32.15
CA ARG B 103 28.93 18.49 -33.53
C ARG B 103 29.67 17.38 -34.20
N SER B 104 29.10 16.90 -35.30
CA SER B 104 29.76 15.95 -36.19
C SER B 104 29.47 16.39 -37.60
N GLU B 105 30.52 16.60 -38.39
CA GLU B 105 30.35 17.11 -39.75
C GLU B 105 29.64 16.09 -40.65
N ASN B 106 30.05 14.84 -40.53
CA ASN B 106 29.43 13.76 -41.30
C ASN B 106 29.18 12.49 -40.50
N GLY B 107 29.07 12.59 -39.17
CA GLY B 107 28.80 11.41 -38.35
C GLY B 107 30.00 10.65 -37.81
N SER B 108 31.13 10.72 -38.50
CA SER B 108 32.30 9.93 -38.11
C SER B 108 32.95 10.39 -36.82
N VAL B 109 33.28 11.67 -36.76
CA VAL B 109 33.96 12.24 -35.61
C VAL B 109 33.05 13.21 -34.91
N TRP B 110 33.17 13.26 -33.58
CA TRP B 110 32.46 14.24 -32.80
C TRP B 110 33.48 15.21 -32.22
N LYS B 111 33.12 16.49 -32.19
CA LYS B 111 33.97 17.48 -31.58
C LYS B 111 33.15 18.61 -31.00
N GLU B 112 33.81 19.46 -30.24
CA GLU B 112 33.15 20.47 -29.44
C GLU B 112 32.83 21.67 -30.31
N HIS B 113 31.60 22.16 -30.22
CA HIS B 113 31.21 23.33 -30.98
C HIS B 113 31.31 24.55 -30.09
N ARG B 114 32.21 25.46 -30.44
CA ARG B 114 32.25 26.77 -29.79
C ARG B 114 32.01 27.85 -30.82
N SER B 115 30.91 28.59 -30.66
CA SER B 115 30.70 29.77 -31.48
C SER B 115 31.88 30.72 -31.29
N ARG B 116 32.47 31.15 -32.39
CA ARG B 116 33.50 32.19 -32.37
C ARG B 116 32.89 33.59 -32.16
N TYR B 117 31.56 33.69 -32.26
CA TYR B 117 30.83 34.91 -31.92
C TYR B 117 30.28 34.84 -30.50
N GLY B 118 29.37 33.91 -30.26
CA GLY B 118 28.79 33.70 -28.93
C GLY B 118 27.74 34.73 -28.53
N GLU B 119 27.37 34.69 -27.25
CA GLU B 119 26.23 35.42 -26.72
C GLU B 119 26.45 36.93 -26.63
N SER B 120 27.70 37.36 -26.51
CA SER B 120 28.05 38.77 -26.54
C SER B 120 27.54 39.52 -27.77
N TYR B 121 27.34 38.82 -28.88
CA TYR B 121 27.03 39.46 -30.15
C TYR B 121 25.63 39.13 -30.66
N LEU B 122 24.79 38.62 -29.78
CA LEU B 122 23.46 38.13 -30.13
C LEU B 122 22.63 39.19 -30.86
N ASP B 123 22.66 40.42 -30.37
CA ASP B 123 21.91 41.51 -30.99
C ASP B 123 22.44 41.80 -32.38
N GLN B 124 23.76 41.76 -32.54
CA GLN B 124 24.40 41.96 -33.85
C GLN B 124 24.00 40.83 -34.80
N ILE B 125 24.03 39.60 -34.28
CA ILE B 125 23.68 38.42 -35.06
C ILE B 125 22.24 38.48 -35.56
N LEU B 126 21.32 39.01 -34.76
CA LEU B 126 19.90 39.05 -35.15
C LEU B 126 19.59 40.09 -36.22
N ASN B 127 20.49 41.08 -36.40
CA ASN B 127 20.44 42.01 -37.51
C ASN B 127 19.11 42.71 -37.69
N GLY B 128 18.61 43.29 -36.60
CA GLY B 128 17.33 43.98 -36.62
C GLY B 128 16.08 43.11 -36.60
N MET B 129 16.24 41.79 -36.64
CA MET B 129 15.10 40.88 -36.71
C MET B 129 14.11 41.11 -35.58
N ASP B 130 12.83 40.94 -35.88
CA ASP B 130 11.77 41.16 -34.90
C ASP B 130 11.54 39.85 -34.13
N GLU B 131 12.53 39.47 -33.32
CA GLU B 131 12.47 38.24 -32.55
C GLU B 131 13.06 38.47 -31.18
N GLU B 132 12.32 38.07 -30.15
CA GLU B 132 12.78 38.21 -28.78
C GLU B 132 13.48 36.92 -28.36
N LEU B 133 14.78 36.99 -28.15
CA LEU B 133 15.56 35.85 -27.67
C LEU B 133 15.76 35.99 -26.17
N GLY B 134 15.68 34.87 -25.46
CA GLY B 134 15.78 34.89 -23.99
C GLY B 134 17.21 34.92 -23.50
N SER B 135 17.40 35.48 -22.30
CA SER B 135 18.72 35.47 -21.66
C SER B 135 19.14 34.05 -21.34
N LEU B 136 20.41 33.87 -21.01
CA LEU B 136 20.93 32.54 -20.70
C LEU B 136 20.30 31.99 -19.40
N GLU B 137 20.07 32.89 -18.44
CA GLU B 137 19.32 32.56 -17.23
C GLU B 137 17.93 32.05 -17.59
N GLU B 138 17.22 32.81 -18.44
CA GLU B 138 15.88 32.42 -18.88
C GLU B 138 15.90 31.04 -19.55
N LEU B 139 16.90 30.81 -20.39
CA LEU B 139 17.02 29.51 -21.06
C LEU B 139 17.33 28.40 -20.04
N GLU B 140 18.11 28.73 -19.02
CA GLU B 140 18.42 27.77 -17.96
C GLU B 140 17.15 27.31 -17.27
N LYS B 141 16.30 28.26 -16.92
CA LYS B 141 15.04 27.92 -16.26
C LYS B 141 14.14 27.05 -17.13
N LYS B 142 14.18 27.26 -18.45
CA LYS B 142 13.35 26.48 -19.38
C LYS B 142 14.05 25.22 -19.87
N ARG B 143 15.25 24.94 -19.36
CA ARG B 143 16.08 23.83 -19.84
C ARG B 143 16.24 23.82 -21.38
N VAL B 144 16.79 24.91 -21.90
CA VAL B 144 17.02 25.09 -23.33
C VAL B 144 18.44 25.58 -23.57
N CYS B 145 19.12 24.95 -24.51
CA CYS B 145 20.44 25.37 -24.92
C CYS B 145 20.32 26.15 -26.23
N ARG B 146 21.12 27.20 -26.36
CA ARG B 146 21.14 27.99 -27.58
C ARG B 146 22.42 27.75 -28.32
N ILE B 147 22.33 27.26 -29.55
CA ILE B 147 23.49 27.06 -30.40
C ILE B 147 23.61 28.18 -31.44
N ILE B 148 24.78 28.80 -31.51
CA ILE B 148 25.08 29.79 -32.55
C ILE B 148 26.09 29.20 -33.53
N THR B 149 25.71 29.14 -34.82
CA THR B 149 26.54 28.49 -35.84
C THR B 149 26.40 29.21 -37.18
N THR B 150 27.44 29.16 -37.99
CA THR B 150 27.38 29.73 -39.36
C THR B 150 27.18 28.62 -40.39
N ASP B 151 27.22 27.36 -39.92
CA ASP B 151 26.92 26.22 -40.76
C ASP B 151 26.07 25.13 -40.04
N PHE B 152 25.58 24.18 -40.82
CA PHE B 152 24.83 23.04 -40.31
C PHE B 152 25.65 21.77 -40.51
N PRO B 153 26.20 21.18 -39.43
CA PRO B 153 26.83 19.85 -39.53
C PRO B 153 25.77 18.76 -39.67
N LEU B 154 26.15 17.53 -40.00
CA LEU B 154 25.20 16.41 -39.99
C LEU B 154 24.48 16.33 -38.63
N TYR B 155 25.22 16.38 -37.53
CA TYR B 155 24.60 16.35 -36.20
C TYR B 155 25.11 17.41 -35.22
N PHE B 156 24.19 17.90 -34.38
CA PHE B 156 24.52 18.45 -33.06
C PHE B 156 23.96 17.51 -31.96
N VAL B 157 24.54 17.58 -30.76
CA VAL B 157 23.98 16.91 -29.57
C VAL B 157 24.51 17.65 -28.35
N ILE B 158 23.68 17.82 -27.32
CA ILE B 158 24.14 18.41 -26.08
C ILE B 158 24.59 17.31 -25.13
N MET B 159 25.78 17.51 -24.57
CA MET B 159 26.39 16.58 -23.63
C MET B 159 26.57 17.26 -22.26
N SER B 160 26.33 16.51 -21.19
CA SER B 160 26.61 16.97 -19.83
C SER B 160 27.93 16.38 -19.34
N ARG B 161 28.65 17.12 -18.50
CA ARG B 161 29.98 16.66 -18.02
C ARG B 161 30.42 17.33 -16.73
N ALA C 3 7.45 10.27 10.39
CA ALA C 3 6.73 10.66 11.64
C ALA C 3 5.21 10.58 11.48
N THR C 4 4.71 9.58 10.75
CA THR C 4 3.25 9.45 10.53
C THR C 4 2.53 8.94 11.77
N GLY C 5 3.23 8.13 12.57
CA GLY C 5 2.66 7.56 13.80
C GLY C 5 1.85 6.30 13.57
N PHE C 6 1.76 5.85 12.31
CA PHE C 6 1.05 4.63 11.97
C PHE C 6 2.00 3.68 11.30
N LEU C 7 1.73 2.38 11.42
CA LEU C 7 2.43 1.39 10.63
C LEU C 7 2.00 1.48 9.16
N VAL C 8 0.69 1.65 8.93
CA VAL C 8 0.14 1.94 7.60
C VAL C 8 -1.03 2.91 7.72
N SER C 9 -1.28 3.62 6.63
CA SER C 9 -2.31 4.62 6.57
C SER C 9 -2.62 4.91 5.11
N PHE C 10 -3.82 4.59 4.66
CA PHE C 10 -4.16 4.72 3.23
C PHE C 10 -5.65 4.78 3.04
N MET C 11 -6.07 5.35 1.91
CA MET C 11 -7.49 5.44 1.58
C MET C 11 -7.91 4.23 0.78
N VAL C 12 -9.14 3.78 1.00
CA VAL C 12 -9.69 2.68 0.24
C VAL C 12 -11.17 2.99 0.01
N ASP C 13 -11.74 2.51 -1.09
CA ASP C 13 -13.18 2.60 -1.33
C ASP C 13 -13.68 1.23 -1.80
N ALA C 14 -14.84 1.20 -2.46
CA ALA C 14 -15.42 -0.05 -2.95
C ALA C 14 -14.50 -0.87 -3.84
N ARG C 15 -13.49 -0.23 -4.42
CA ARG C 15 -12.51 -0.93 -5.27
C ARG C 15 -11.56 -1.80 -4.46
N GLY C 16 -11.45 -1.50 -3.18
CA GLY C 16 -10.52 -2.21 -2.31
C GLY C 16 -9.09 -1.72 -2.45
N GLY C 17 -8.20 -2.34 -1.68
CA GLY C 17 -6.79 -1.96 -1.67
C GLY C 17 -6.07 -2.56 -0.48
N SER C 18 -4.75 -2.43 -0.46
CA SER C 18 -3.96 -2.97 0.63
C SER C 18 -2.67 -2.20 0.79
N MET C 19 -2.08 -2.33 1.98
CA MET C 19 -0.76 -1.80 2.25
C MET C 19 0.01 -2.65 3.26
N ARG C 20 1.34 -2.74 3.09
CA ARG C 20 2.24 -3.39 4.05
C ARG C 20 3.04 -2.37 4.82
N GLY C 21 3.39 -2.72 6.05
CA GLY C 21 4.32 -1.92 6.83
C GLY C 21 5.74 -2.07 6.33
N SER C 22 6.60 -1.15 6.74
CA SER C 22 7.94 -1.07 6.17
C SER C 22 8.87 -2.23 6.56
N ARG C 23 8.52 -2.97 7.62
CA ARG C 23 9.36 -4.07 8.08
C ARG C 23 9.12 -5.33 7.26
N HIS C 24 10.18 -6.09 7.03
CA HIS C 24 10.11 -7.36 6.31
C HIS C 24 9.15 -8.33 7.00
N ASN C 25 8.41 -9.11 6.20
CA ASN C 25 7.36 -10.00 6.73
C ASN C 25 6.63 -9.30 7.86
N GLY C 26 6.25 -8.06 7.59
CA GLY C 26 5.65 -7.21 8.59
C GLY C 26 4.15 -7.21 8.45
N LEU C 27 3.55 -6.13 8.95
CA LEU C 27 2.14 -5.98 8.98
C LEU C 27 1.58 -5.80 7.55
N ARG C 28 0.42 -6.39 7.31
CA ARG C 28 -0.30 -6.19 6.06
C ARG C 28 -1.80 -6.07 6.33
N VAL C 29 -2.42 -5.05 5.72
CA VAL C 29 -3.87 -4.86 5.75
C VAL C 29 -4.39 -4.98 4.32
N VAL C 30 -5.32 -5.93 4.12
CA VAL C 30 -5.97 -6.15 2.84
C VAL C 30 -7.46 -5.90 2.97
N ILE C 31 -7.94 -4.96 2.17
CA ILE C 31 -9.31 -4.51 2.21
C ILE C 31 -9.92 -4.85 0.85
N PRO C 32 -10.59 -6.02 0.75
CA PRO C 32 -11.06 -6.47 -0.56
C PRO C 32 -12.11 -5.55 -1.19
N PRO C 33 -12.26 -5.62 -2.51
CA PRO C 33 -13.30 -4.86 -3.17
C PRO C 33 -14.67 -5.09 -2.54
N ARG C 34 -15.43 -4.01 -2.41
CA ARG C 34 -16.83 -4.00 -1.96
C ARG C 34 -17.05 -4.44 -0.52
N THR C 35 -16.00 -4.34 0.29
CA THR C 35 -16.14 -4.47 1.73
C THR C 35 -16.37 -3.08 2.35
N CYS C 36 -15.95 -2.01 1.65
CA CYS C 36 -16.26 -0.63 2.02
C CYS C 36 -17.32 0.01 1.15
N ALA C 37 -18.41 0.41 1.76
CA ALA C 37 -19.44 1.19 1.09
C ALA C 37 -18.92 2.58 0.66
N ALA C 38 -18.22 3.26 1.57
CA ALA C 38 -17.73 4.62 1.30
C ALA C 38 -16.21 4.73 1.43
N PRO C 39 -15.63 5.83 0.89
CA PRO C 39 -14.19 6.07 1.03
C PRO C 39 -13.77 6.08 2.50
N THR C 40 -12.79 5.25 2.84
CA THR C 40 -12.39 5.07 4.23
C THR C 40 -10.88 5.14 4.41
N ARG C 41 -10.45 5.84 5.45
CA ARG C 41 -9.03 5.89 5.80
C ARG C 41 -8.68 4.74 6.74
N ILE C 42 -7.91 3.80 6.20
CA ILE C 42 -7.50 2.62 6.94
C ILE C 42 -6.15 2.93 7.60
N THR C 43 -6.05 2.64 8.90
CA THR C 43 -4.81 2.86 9.65
C THR C 43 -4.48 1.68 10.55
N CYS C 44 -3.20 1.51 10.83
CA CYS C 44 -2.76 0.62 11.88
C CYS C 44 -1.66 1.28 12.69
N ARG C 45 -1.78 1.15 14.02
CA ARG C 45 -0.97 1.81 15.01
C ARG C 45 -0.43 0.79 16.03
N LEU C 46 0.83 0.94 16.44
CA LEU C 46 1.40 0.12 17.52
C LEU C 46 1.05 0.73 18.86
N VAL C 47 0.59 -0.11 19.78
CA VAL C 47 0.26 0.32 21.14
C VAL C 47 1.31 -0.25 22.10
N LYS C 48 1.83 0.59 22.98
CA LYS C 48 2.76 0.14 24.02
C LYS C 48 1.96 -0.43 25.20
N PRO C 49 2.26 -1.68 25.60
CA PRO C 49 1.57 -2.36 26.70
C PRO C 49 1.50 -1.57 28.00
N GLN C 50 2.48 -0.72 28.24
CA GLN C 50 2.50 0.15 29.43
C GLN C 50 1.42 1.24 29.39
N LYS C 51 1.05 1.66 28.19
CA LYS C 51 -0.05 2.63 28.02
C LYS C 51 -1.42 2.05 28.38
N LEU C 52 -1.57 0.72 28.29
CA LEU C 52 -2.86 0.08 28.51
C LEU C 52 -3.30 0.19 29.95
N SER C 53 -4.54 0.65 30.14
CA SER C 53 -5.18 0.65 31.46
C SER C 53 -5.34 -0.78 31.98
N THR C 54 -5.81 -1.68 31.13
CA THR C 54 -5.96 -3.08 31.52
C THR C 54 -5.41 -3.99 30.41
N PRO C 55 -4.18 -4.49 30.58
CA PRO C 55 -3.58 -5.26 29.52
C PRO C 55 -4.08 -6.70 29.50
N PRO C 56 -3.83 -7.43 28.41
CA PRO C 56 -4.30 -8.81 28.35
C PRO C 56 -3.90 -9.58 29.61
N PRO C 57 -4.88 -10.19 30.32
CA PRO C 57 -4.48 -10.93 31.52
C PRO C 57 -3.72 -12.18 31.12
N LEU C 58 -2.67 -12.49 31.85
CA LEU C 58 -1.85 -13.63 31.52
C LEU C 58 -1.75 -14.56 32.71
N ALA C 59 -1.88 -15.86 32.47
CA ALA C 59 -1.59 -16.89 33.48
C ALA C 59 -0.13 -17.34 33.33
N GLU C 60 0.37 -18.05 34.34
CA GLU C 60 1.82 -18.19 34.55
C GLU C 60 2.68 -18.46 33.31
N GLU C 61 2.34 -19.47 32.50
CA GLU C 61 3.12 -19.77 31.31
C GLU C 61 2.38 -19.31 30.05
N GLU C 62 1.96 -18.05 30.09
CA GLU C 62 1.37 -17.37 28.94
C GLU C 62 2.16 -16.12 28.63
N GLY C 63 2.13 -15.71 27.37
CA GLY C 63 2.76 -14.47 26.98
C GLY C 63 2.20 -13.86 25.73
N LEU C 64 2.34 -12.54 25.63
CA LEU C 64 2.07 -11.84 24.38
C LEU C 64 3.01 -12.36 23.30
N ALA C 65 2.45 -12.74 22.16
CA ALA C 65 3.24 -13.28 21.05
C ALA C 65 3.32 -12.31 19.86
N SER C 66 2.86 -11.07 20.06
CA SER C 66 2.92 -10.04 19.01
C SER C 66 2.81 -8.68 19.68
N ARG C 67 3.10 -7.64 18.93
CA ARG C 67 2.76 -6.28 19.35
C ARG C 67 1.23 -6.14 19.39
N ILE C 68 0.76 -5.19 20.19
CA ILE C 68 -0.64 -4.83 20.23
C ILE C 68 -0.87 -3.81 19.12
N ILE C 69 -1.87 -4.06 18.29
CA ILE C 69 -2.21 -3.12 17.20
C ILE C 69 -3.60 -2.54 17.35
N ALA C 70 -3.71 -1.26 17.00
CA ALA C 70 -4.97 -0.54 16.94
C ALA C 70 -5.31 -0.19 15.48
N LEU C 71 -6.18 -0.99 14.89
CA LEU C 71 -6.63 -0.76 13.50
C LEU C 71 -7.67 0.35 13.46
N GLY C 72 -7.58 1.24 12.46
CA GLY C 72 -8.54 2.34 12.32
C GLY C 72 -9.28 2.35 10.99
N PRO C 73 -10.50 2.93 10.96
CA PRO C 73 -11.19 3.62 12.06
C PRO C 73 -11.73 2.67 13.11
N THR C 74 -11.57 2.99 14.40
CA THR C 74 -11.97 2.07 15.44
C THR C 74 -13.47 1.82 15.35
N GLY C 75 -13.85 0.55 15.46
CA GLY C 75 -15.25 0.16 15.32
C GLY C 75 -15.75 0.15 13.88
N ALA C 76 -14.84 0.23 12.91
CA ALA C 76 -15.22 0.15 11.50
C ALA C 76 -16.02 -1.11 11.29
N GLN C 77 -17.12 -1.02 10.56
CA GLN C 77 -17.90 -2.22 10.22
C GLN C 77 -17.86 -2.40 8.72
N PHE C 78 -17.37 -3.56 8.27
CA PHE C 78 -17.23 -3.82 6.85
C PHE C 78 -18.37 -4.70 6.36
N LEU C 79 -18.65 -4.60 5.06
CA LEU C 79 -19.78 -5.30 4.48
C LEU C 79 -19.45 -6.77 4.26
N SER C 80 -18.17 -7.07 4.21
CA SER C 80 -17.68 -8.43 4.09
C SER C 80 -16.31 -8.45 4.79
N PRO C 81 -15.75 -9.64 5.05
CA PRO C 81 -14.50 -9.66 5.82
C PRO C 81 -13.27 -9.06 5.13
N VAL C 82 -12.40 -8.48 5.96
CA VAL C 82 -11.09 -7.98 5.54
C VAL C 82 -10.02 -8.80 6.26
N ILE C 83 -8.76 -8.55 5.89
CA ILE C 83 -7.65 -9.39 6.29
C ILE C 83 -6.52 -8.55 6.85
N VAL C 84 -6.03 -8.95 8.03
CA VAL C 84 -4.89 -8.31 8.66
C VAL C 84 -3.90 -9.42 8.97
N GLU C 85 -2.67 -9.24 8.48
CA GLU C 85 -1.60 -10.19 8.76
C GLU C 85 -0.59 -9.51 9.67
N ILE C 86 -0.35 -10.10 10.84
CA ILE C 86 0.50 -9.50 11.87
C ILE C 86 1.66 -10.45 12.20
N PRO C 87 2.89 -9.92 12.27
CA PRO C 87 3.96 -10.82 12.64
C PRO C 87 3.85 -11.22 14.11
N HIS C 88 4.23 -12.44 14.42
CA HIS C 88 4.30 -12.90 15.80
C HIS C 88 5.76 -13.10 16.18
N PHE C 89 6.07 -12.88 17.46
CA PHE C 89 7.45 -12.98 17.95
C PHE C 89 7.94 -14.40 17.85
N ALA C 90 9.24 -14.55 17.71
CA ALA C 90 9.85 -15.86 17.82
C ALA C 90 9.66 -16.39 19.25
N SER C 91 9.67 -17.70 19.40
CA SER C 91 9.46 -18.32 20.70
C SER C 91 10.80 -18.71 21.31
N HIS C 92 11.01 -18.34 22.57
CA HIS C 92 12.21 -18.70 23.32
C HIS C 92 11.83 -19.55 24.52
N GLY C 93 12.13 -20.85 24.46
CA GLY C 93 11.89 -21.77 25.60
C GLY C 93 10.42 -22.08 25.90
N ARG C 97 3.42 -24.51 21.98
CA ARG C 97 2.23 -23.87 22.53
C ARG C 97 1.31 -23.36 21.43
N GLU C 98 0.22 -22.70 21.78
CA GLU C 98 -0.80 -22.31 20.82
C GLU C 98 -0.88 -20.79 20.71
N LEU C 99 -0.93 -20.28 19.48
CA LEU C 99 -1.09 -18.85 19.23
C LEU C 99 -2.56 -18.53 19.08
N VAL C 100 -3.05 -17.59 19.90
CA VAL C 100 -4.46 -17.26 19.95
C VAL C 100 -4.60 -15.78 19.71
N VAL C 101 -5.53 -15.42 18.82
CA VAL C 101 -5.81 -14.03 18.57
C VAL C 101 -6.82 -13.55 19.58
N LEU C 102 -6.47 -12.46 20.24
CA LEU C 102 -7.32 -11.78 21.18
C LEU C 102 -7.71 -10.42 20.62
N ARG C 103 -8.93 -10.01 20.92
CA ARG C 103 -9.43 -8.69 20.61
C ARG C 103 -10.00 -8.04 21.86
N SER C 104 -9.99 -6.72 21.89
CA SER C 104 -10.61 -5.97 22.97
C SER C 104 -11.37 -4.84 22.32
N GLU C 105 -12.69 -4.83 22.51
CA GLU C 105 -13.53 -3.83 21.87
C GLU C 105 -13.20 -2.44 22.38
N ASN C 106 -12.96 -2.32 23.68
CA ASN C 106 -12.75 -1.02 24.30
C ASN C 106 -11.56 -0.92 25.26
N GLY C 107 -10.68 -1.90 25.24
CA GLY C 107 -9.52 -1.89 26.13
C GLY C 107 -9.75 -2.56 27.48
N SER C 108 -11.01 -2.76 27.87
CA SER C 108 -11.30 -3.27 29.22
C SER C 108 -11.28 -4.81 29.29
N VAL C 109 -11.88 -5.45 28.29
CA VAL C 109 -12.00 -6.91 28.28
C VAL C 109 -11.35 -7.47 27.04
N TRP C 110 -10.61 -8.57 27.20
CA TRP C 110 -9.91 -9.25 26.11
C TRP C 110 -10.50 -10.64 25.86
N LYS C 111 -10.87 -10.91 24.61
CA LYS C 111 -11.56 -12.16 24.28
C LYS C 111 -11.01 -12.76 23.02
N GLU C 112 -11.10 -14.08 22.91
CA GLU C 112 -10.61 -14.79 21.73
C GLU C 112 -11.36 -14.35 20.47
N HIS C 113 -10.61 -14.15 19.38
CA HIS C 113 -11.19 -13.90 18.08
C HIS C 113 -11.10 -15.15 17.20
N ARG C 114 -12.24 -15.62 16.69
CA ARG C 114 -12.28 -16.63 15.64
C ARG C 114 -13.02 -16.05 14.44
N GLY C 118 -13.62 -19.14 7.98
CA GLY C 118 -12.22 -18.75 8.16
C GLY C 118 -11.40 -19.06 6.92
N GLU C 119 -10.32 -19.83 7.11
CA GLU C 119 -9.39 -20.16 6.01
C GLU C 119 -9.99 -20.93 4.84
N SER C 120 -11.18 -21.48 5.01
CA SER C 120 -11.86 -22.23 3.96
C SER C 120 -12.45 -21.34 2.86
N TYR C 121 -12.62 -20.04 3.15
CA TYR C 121 -13.36 -19.14 2.25
C TYR C 121 -12.52 -17.97 1.72
N LEU C 122 -11.21 -18.16 1.62
CA LEU C 122 -10.30 -17.05 1.28
C LEU C 122 -10.62 -16.40 -0.06
N ASP C 123 -10.75 -17.22 -1.11
CA ASP C 123 -11.00 -16.71 -2.46
C ASP C 123 -12.29 -15.89 -2.51
N GLN C 124 -13.30 -16.33 -1.75
CA GLN C 124 -14.59 -15.66 -1.72
C GLN C 124 -14.45 -14.30 -1.04
N ILE C 125 -13.77 -14.30 0.10
CA ILE C 125 -13.49 -13.10 0.86
C ILE C 125 -12.78 -12.06 0.00
N LEU C 126 -11.87 -12.51 -0.85
CA LEU C 126 -11.07 -11.59 -1.68
C LEU C 126 -11.89 -10.84 -2.75
N ASN C 127 -13.07 -11.34 -3.09
CA ASN C 127 -13.97 -10.65 -4.03
C ASN C 127 -13.28 -10.26 -5.34
N GLY C 128 -12.45 -11.16 -5.88
CA GLY C 128 -11.79 -10.95 -7.17
C GLY C 128 -10.60 -9.99 -7.14
N MET C 129 -10.07 -9.73 -5.95
CA MET C 129 -8.95 -8.82 -5.77
C MET C 129 -7.68 -9.41 -6.41
N ASP C 130 -6.79 -8.53 -6.88
CA ASP C 130 -5.47 -8.97 -7.36
C ASP C 130 -4.44 -8.94 -6.23
N GLU C 131 -4.70 -9.69 -5.16
CA GLU C 131 -3.73 -9.93 -4.09
C GLU C 131 -3.52 -11.43 -3.93
N GLU C 132 -2.34 -11.82 -3.45
CA GLU C 132 -2.07 -13.22 -3.16
C GLU C 132 -1.95 -13.42 -1.65
N LEU C 133 -2.70 -14.38 -1.12
CA LEU C 133 -2.59 -14.77 0.27
C LEU C 133 -1.87 -16.10 0.33
N GLY C 134 -0.78 -16.17 1.08
CA GLY C 134 -0.04 -17.41 1.25
C GLY C 134 -0.80 -18.40 2.12
N SER C 135 -0.41 -19.67 2.05
CA SER C 135 -1.04 -20.72 2.85
C SER C 135 -0.73 -20.59 4.34
N LEU C 136 -1.43 -21.36 5.17
CA LEU C 136 -1.21 -21.36 6.62
C LEU C 136 0.23 -21.72 6.96
N GLU C 137 0.81 -22.70 6.25
CA GLU C 137 2.19 -23.14 6.51
C GLU C 137 3.21 -22.12 6.01
N GLU C 138 2.87 -21.44 4.92
CA GLU C 138 3.71 -20.35 4.44
C GLU C 138 3.74 -19.22 5.46
N LEU C 139 2.59 -18.93 6.06
CA LEU C 139 2.52 -17.94 7.12
C LEU C 139 3.36 -18.35 8.34
N GLU C 140 3.21 -19.60 8.80
CA GLU C 140 4.05 -20.18 9.87
C GLU C 140 5.55 -19.94 9.64
N LYS C 141 6.03 -20.33 8.45
CA LYS C 141 7.43 -20.17 8.09
C LYS C 141 7.91 -18.72 8.19
N LYS C 142 6.99 -17.77 8.03
CA LYS C 142 7.32 -16.36 8.06
C LYS C 142 7.03 -15.71 9.41
N ARG C 143 6.49 -16.49 10.36
CA ARG C 143 6.03 -16.00 11.67
C ARG C 143 5.02 -14.88 11.56
N VAL C 144 3.97 -15.18 10.80
CA VAL C 144 2.90 -14.23 10.56
C VAL C 144 1.57 -14.91 10.85
N CYS C 145 0.67 -14.17 11.48
CA CYS C 145 -0.68 -14.64 11.79
C CYS C 145 -1.70 -13.86 11.00
N ARG C 146 -2.68 -14.55 10.44
CA ARG C 146 -3.75 -13.92 9.66
C ARG C 146 -5.03 -13.78 10.46
N ILE C 147 -5.49 -12.55 10.63
CA ILE C 147 -6.76 -12.25 11.24
C ILE C 147 -7.74 -11.91 10.12
N ILE C 148 -8.86 -12.64 10.09
CA ILE C 148 -9.97 -12.33 9.19
C ILE C 148 -11.08 -11.78 10.08
N THR C 149 -11.53 -10.58 9.77
CA THR C 149 -12.50 -9.88 10.61
C THR C 149 -13.43 -9.03 9.74
N THR C 150 -14.65 -8.81 10.24
CA THR C 150 -15.61 -7.92 9.59
C THR C 150 -15.69 -6.57 10.30
N ASP C 151 -15.01 -6.45 11.43
CA ASP C 151 -14.99 -5.20 12.16
C ASP C 151 -13.63 -4.94 12.76
N PHE C 152 -13.41 -3.68 13.14
CA PHE C 152 -12.17 -3.28 13.76
C PHE C 152 -12.42 -3.05 15.26
N PRO C 153 -11.86 -3.92 16.11
CA PRO C 153 -11.96 -3.65 17.54
C PRO C 153 -10.85 -2.64 17.90
N LEU C 154 -10.94 -1.99 19.05
CA LEU C 154 -9.87 -1.08 19.48
C LEU C 154 -8.52 -1.78 19.31
N TYR C 155 -8.37 -2.98 19.91
CA TYR C 155 -7.10 -3.71 19.86
C TYR C 155 -7.18 -5.18 19.44
N PHE C 156 -6.14 -5.61 18.72
CA PHE C 156 -5.79 -7.01 18.53
C PHE C 156 -4.38 -7.29 19.11
N VAL C 157 -4.21 -8.50 19.61
CA VAL C 157 -2.88 -8.99 19.95
C VAL C 157 -2.94 -10.51 19.86
N ILE C 158 -1.80 -11.10 19.53
CA ILE C 158 -1.65 -12.54 19.54
C ILE C 158 -1.09 -12.95 20.91
N MET C 159 -1.71 -13.96 21.51
CA MET C 159 -1.32 -14.50 22.82
CA MET C 159 -1.26 -14.47 22.78
C MET C 159 -0.75 -15.89 22.62
N SER C 160 0.28 -16.23 23.38
CA SER C 160 0.76 -17.60 23.44
C SER C 160 0.25 -18.17 24.77
N ARG C 161 -0.43 -19.32 24.73
CA ARG C 161 -0.99 -19.95 25.95
CA ARG C 161 -0.97 -19.93 25.95
C ARG C 161 -0.16 -21.14 26.38
N ASN D 2 -19.51 5.94 -4.44
CA ASN D 2 -18.59 7.05 -4.08
C ASN D 2 -17.14 6.57 -4.00
N ALA D 3 -16.23 7.35 -4.60
CA ALA D 3 -14.83 6.95 -4.73
C ALA D 3 -13.90 7.90 -3.95
N THR D 4 -12.62 7.53 -3.87
CA THR D 4 -11.61 8.41 -3.25
C THR D 4 -11.13 9.51 -4.21
N GLY D 5 -11.38 9.33 -5.51
CA GLY D 5 -10.90 10.25 -6.54
C GLY D 5 -9.51 9.88 -7.02
N PHE D 6 -8.84 8.98 -6.29
CA PHE D 6 -7.45 8.64 -6.57
C PHE D 6 -7.28 7.17 -6.96
N LEU D 7 -6.24 6.90 -7.76
CA LEU D 7 -5.83 5.53 -8.03
C LEU D 7 -5.10 4.94 -6.81
N VAL D 8 -4.31 5.77 -6.14
CA VAL D 8 -3.67 5.39 -4.87
C VAL D 8 -3.53 6.61 -4.00
N SER D 9 -3.53 6.39 -2.71
CA SER D 9 -3.48 7.46 -1.74
C SER D 9 -3.07 6.90 -0.39
N PHE D 10 -1.86 7.24 0.06
CA PHE D 10 -1.29 6.72 1.30
C PHE D 10 -0.29 7.71 1.90
N MET D 11 -0.09 7.60 3.21
CA MET D 11 0.87 8.43 3.95
C MET D 11 2.21 7.73 4.01
N VAL D 12 3.27 8.51 3.95
CA VAL D 12 4.60 7.97 3.98
C VAL D 12 5.49 8.91 4.79
N ASP D 13 6.60 8.40 5.30
CA ASP D 13 7.62 9.23 5.95
C ASP D 13 8.98 8.63 5.66
N ALA D 14 9.97 8.95 6.48
CA ALA D 14 11.35 8.50 6.26
C ALA D 14 11.48 7.00 6.12
N ARG D 15 10.52 6.24 6.64
CA ARG D 15 10.56 4.78 6.53
C ARG D 15 10.24 4.28 5.11
N GLY D 16 9.57 5.12 4.33
CA GLY D 16 9.18 4.76 2.98
C GLY D 16 7.95 3.88 3.01
N GLY D 17 7.42 3.63 1.82
CA GLY D 17 6.22 2.81 1.68
C GLY D 17 5.80 2.77 0.23
N SER D 18 4.74 2.03 -0.05
CA SER D 18 4.29 1.88 -1.42
C SER D 18 2.87 1.39 -1.47
N MET D 19 2.24 1.66 -2.61
CA MET D 19 0.90 1.17 -2.88
C MET D 19 0.70 0.88 -4.37
N ARG D 20 -0.05 -0.19 -4.66
CA ARG D 20 -0.52 -0.50 -6.02
C ARG D 20 -1.95 -0.04 -6.19
N GLY D 21 -2.33 0.29 -7.41
CA GLY D 21 -3.73 0.50 -7.77
C GLY D 21 -4.43 -0.84 -7.81
N SER D 22 -5.75 -0.81 -7.78
CA SER D 22 -6.54 -2.04 -7.74
C SER D 22 -6.48 -2.86 -9.03
N ARG D 23 -6.21 -2.23 -10.18
CA ARG D 23 -6.19 -2.95 -11.45
C ARG D 23 -4.94 -3.82 -11.59
N HIS D 24 -5.16 -5.02 -12.13
CA HIS D 24 -4.13 -5.89 -12.70
C HIS D 24 -2.94 -5.13 -13.30
N ASN D 25 -1.72 -5.60 -13.06
CA ASN D 25 -0.52 -4.95 -13.58
C ASN D 25 -0.72 -3.44 -13.70
N GLY D 26 -1.13 -2.85 -12.59
CA GLY D 26 -1.60 -1.47 -12.59
C GLY D 26 -0.55 -0.49 -12.12
N LEU D 27 -1.03 0.69 -11.71
CA LEU D 27 -0.19 1.73 -11.19
C LEU D 27 0.44 1.30 -9.86
N ARG D 28 1.72 1.56 -9.70
CA ARG D 28 2.41 1.30 -8.45
C ARG D 28 3.35 2.45 -8.19
N VAL D 29 3.28 3.00 -6.98
CA VAL D 29 4.15 4.07 -6.52
C VAL D 29 5.00 3.51 -5.37
N VAL D 30 6.32 3.46 -5.60
CA VAL D 30 7.31 3.04 -4.60
C VAL D 30 8.15 4.22 -4.11
N ILE D 31 7.95 4.57 -2.84
CA ILE D 31 8.67 5.67 -2.19
C ILE D 31 9.72 5.07 -1.24
N PRO D 32 11.00 5.04 -1.68
CA PRO D 32 12.00 4.37 -0.83
C PRO D 32 12.26 5.06 0.51
N PRO D 33 12.84 4.31 1.47
CA PRO D 33 13.20 4.93 2.75
C PRO D 33 14.11 6.15 2.56
N ARG D 34 13.84 7.20 3.34
CA ARG D 34 14.63 8.43 3.44
C ARG D 34 14.65 9.27 2.16
N THR D 35 13.65 9.08 1.32
CA THR D 35 13.43 9.97 0.18
C THR D 35 12.53 11.12 0.61
N CYS D 36 11.78 10.91 1.70
CA CYS D 36 10.84 11.90 2.20
CA CYS D 36 10.80 11.86 2.19
C CYS D 36 11.27 12.42 3.55
N ALA D 37 11.61 13.72 3.57
CA ALA D 37 12.05 14.40 4.79
C ALA D 37 11.00 14.39 5.90
N ALA D 38 9.73 14.55 5.53
CA ALA D 38 8.64 14.64 6.50
C ALA D 38 7.39 13.89 6.03
N PRO D 39 6.45 13.61 6.94
CA PRO D 39 5.21 12.91 6.57
C PRO D 39 4.52 13.59 5.39
N THR D 40 4.20 12.79 4.38
CA THR D 40 3.67 13.27 3.09
C THR D 40 2.50 12.39 2.66
N ARG D 41 1.43 13.02 2.17
CA ARG D 41 0.37 12.27 1.51
C ARG D 41 0.75 12.04 0.06
N ILE D 42 0.93 10.77 -0.30
CA ILE D 42 1.27 10.41 -1.66
C ILE D 42 -0.04 10.00 -2.37
N THR D 43 -0.30 10.61 -3.53
CA THR D 43 -1.51 10.33 -4.29
C THR D 43 -1.25 10.21 -5.79
N CYS D 44 -2.15 9.54 -6.47
CA CYS D 44 -2.10 9.48 -7.91
C CYS D 44 -3.52 9.49 -8.47
N ARG D 45 -3.73 10.42 -9.40
CA ARG D 45 -5.03 10.74 -9.97
C ARG D 45 -5.02 10.50 -11.48
N LEU D 46 -6.10 9.94 -12.02
CA LEU D 46 -6.24 9.79 -13.46
C LEU D 46 -6.73 11.12 -14.01
N VAL D 47 -6.11 11.59 -15.10
CA VAL D 47 -6.52 12.83 -15.75
C VAL D 47 -7.10 12.52 -17.12
N LYS D 48 -8.30 13.01 -17.39
CA LYS D 48 -8.90 12.87 -18.72
C LYS D 48 -8.28 13.89 -19.68
N PRO D 49 -7.79 13.43 -20.85
CA PRO D 49 -7.22 14.29 -21.89
C PRO D 49 -8.08 15.50 -22.26
N GLN D 50 -9.39 15.28 -22.25
CA GLN D 50 -10.38 16.30 -22.58
C GLN D 50 -10.24 17.54 -21.68
N LYS D 51 -9.88 17.30 -20.42
CA LYS D 51 -9.79 18.34 -19.41
CA LYS D 51 -9.79 18.34 -19.41
C LYS D 51 -8.51 19.18 -19.54
N LEU D 52 -7.54 18.72 -20.33
CA LEU D 52 -6.29 19.46 -20.49
C LEU D 52 -6.47 20.67 -21.41
N SER D 53 -5.92 21.82 -21.01
CA SER D 53 -6.03 23.06 -21.78
C SER D 53 -5.02 23.11 -22.92
N THR D 54 -3.93 22.37 -22.76
CA THR D 54 -2.96 22.14 -23.82
C THR D 54 -2.44 20.71 -23.67
N PRO D 55 -3.04 19.76 -24.38
CA PRO D 55 -2.63 18.36 -24.23
C PRO D 55 -1.32 18.07 -24.97
N PRO D 56 -0.72 16.90 -24.74
CA PRO D 56 0.53 16.63 -25.42
C PRO D 56 0.39 16.77 -26.94
N PRO D 57 1.28 17.55 -27.56
CA PRO D 57 1.26 17.65 -29.01
C PRO D 57 1.72 16.34 -29.66
N LEU D 58 1.00 15.90 -30.69
CA LEU D 58 1.32 14.64 -31.36
C LEU D 58 1.46 14.86 -32.86
N ALA D 59 2.55 14.36 -33.43
CA ALA D 59 2.71 14.28 -34.89
C ALA D 59 1.86 13.15 -35.44
N GLU D 60 1.94 12.96 -36.76
CA GLU D 60 1.01 12.10 -37.48
C GLU D 60 0.90 10.69 -36.89
N GLU D 61 2.00 9.93 -36.88
CA GLU D 61 1.92 8.56 -36.40
C GLU D 61 2.37 8.45 -34.94
N GLU D 62 1.95 9.42 -34.12
CA GLU D 62 2.19 9.42 -32.67
C GLU D 62 0.87 9.34 -31.94
N GLY D 63 0.88 8.75 -30.75
CA GLY D 63 -0.31 8.67 -29.92
C GLY D 63 0.05 8.50 -28.46
N LEU D 64 -0.93 8.74 -27.58
CA LEU D 64 -0.76 8.46 -26.16
C LEU D 64 -0.75 6.94 -25.95
N ALA D 65 0.18 6.47 -25.12
CA ALA D 65 0.36 5.04 -24.86
C ALA D 65 0.01 4.68 -23.41
N SER D 66 -0.43 5.66 -22.63
CA SER D 66 -0.91 5.41 -21.29
C SER D 66 -1.93 6.46 -20.93
N ARG D 67 -2.62 6.23 -19.83
CA ARG D 67 -3.39 7.29 -19.19
C ARG D 67 -2.46 8.42 -18.70
N ILE D 68 -3.02 9.61 -18.55
CA ILE D 68 -2.29 10.71 -17.96
C ILE D 68 -2.44 10.61 -16.44
N ILE D 69 -1.32 10.69 -15.72
CA ILE D 69 -1.37 10.61 -14.27
C ILE D 69 -0.87 11.88 -13.61
N ALA D 70 -1.59 12.36 -12.60
CA ALA D 70 -1.13 13.46 -11.77
C ALA D 70 -0.70 12.92 -10.41
N LEU D 71 0.61 12.86 -10.19
CA LEU D 71 1.17 12.46 -8.89
C LEU D 71 1.17 13.61 -7.89
N GLY D 72 0.61 13.39 -6.69
CA GLY D 72 0.55 14.41 -5.63
C GLY D 72 1.45 14.12 -4.41
N PRO D 73 1.89 15.17 -3.70
CA PRO D 73 1.62 16.59 -3.98
C PRO D 73 2.39 17.06 -5.21
N THR D 74 1.76 17.90 -6.02
CA THR D 74 2.41 18.40 -7.22
C THR D 74 3.64 19.20 -6.82
N GLY D 75 4.77 18.87 -7.43
CA GLY D 75 6.01 19.60 -7.21
C GLY D 75 6.86 19.08 -6.08
N ALA D 76 6.46 17.98 -5.45
CA ALA D 76 7.25 17.39 -4.37
C ALA D 76 8.67 17.12 -4.83
N GLN D 77 9.66 17.65 -4.11
CA GLN D 77 11.07 17.26 -4.30
C GLN D 77 11.41 16.20 -3.27
N PHE D 78 11.87 15.04 -3.74
CA PHE D 78 12.32 13.97 -2.86
C PHE D 78 13.84 13.99 -2.75
N LEU D 79 14.35 13.52 -1.63
CA LEU D 79 15.76 13.63 -1.29
C LEU D 79 16.60 12.64 -2.10
N SER D 80 15.92 11.63 -2.63
CA SER D 80 16.51 10.59 -3.44
C SER D 80 15.41 10.17 -4.45
N PRO D 81 15.75 9.42 -5.51
CA PRO D 81 14.71 9.07 -6.50
C PRO D 81 13.61 8.12 -6.00
N VAL D 82 12.39 8.35 -6.47
CA VAL D 82 11.25 7.47 -6.21
C VAL D 82 10.83 6.81 -7.51
N ILE D 83 10.00 5.77 -7.42
CA ILE D 83 9.67 4.93 -8.57
C ILE D 83 8.19 4.86 -8.79
N VAL D 84 7.78 5.07 -10.04
CA VAL D 84 6.39 4.96 -10.44
C VAL D 84 6.31 4.02 -11.62
N GLU D 85 5.46 3.00 -11.51
CA GLU D 85 5.28 2.03 -12.55
C GLU D 85 3.89 2.20 -13.13
N ILE D 86 3.82 2.53 -14.41
CA ILE D 86 2.56 2.84 -15.06
C ILE D 86 2.29 1.84 -16.17
N PRO D 87 1.04 1.33 -16.25
CA PRO D 87 0.75 0.43 -17.36
C PRO D 87 0.61 1.23 -18.65
N HIS D 88 1.02 0.63 -19.76
CA HIS D 88 0.84 1.23 -21.08
C HIS D 88 -0.12 0.38 -21.89
N PHE D 89 -0.80 1.03 -22.85
CA PHE D 89 -1.81 0.35 -23.65
C PHE D 89 -1.14 -0.67 -24.54
N ALA D 90 -1.90 -1.70 -24.92
CA ALA D 90 -1.45 -2.62 -25.93
C ALA D 90 -1.51 -1.90 -27.28
N SER D 91 -0.54 -2.19 -28.15
CA SER D 91 -0.38 -1.49 -29.41
C SER D 91 -1.19 -2.22 -30.48
N HIS D 92 -1.90 -1.46 -31.30
CA HIS D 92 -2.73 -2.05 -32.36
C HIS D 92 -2.10 -1.92 -33.74
N ARG D 97 7.74 0.59 -32.39
CA ARG D 97 7.19 1.78 -31.77
C ARG D 97 7.94 2.14 -30.48
N GLU D 98 8.53 3.34 -30.44
CA GLU D 98 9.22 3.79 -29.23
C GLU D 98 8.17 4.33 -28.27
N LEU D 99 8.24 3.88 -27.02
CA LEU D 99 7.45 4.46 -25.93
C LEU D 99 8.31 5.49 -25.25
N VAL D 100 7.78 6.69 -25.05
CA VAL D 100 8.54 7.78 -24.45
C VAL D 100 7.78 8.35 -23.27
N VAL D 101 8.49 8.58 -22.18
CA VAL D 101 7.91 9.21 -21.03
C VAL D 101 7.94 10.70 -21.26
N LEU D 102 6.79 11.34 -21.07
CA LEU D 102 6.69 12.78 -21.13
C LEU D 102 6.25 13.30 -19.77
N ARG D 103 6.66 14.50 -19.43
CA ARG D 103 6.15 15.18 -18.25
C ARG D 103 5.81 16.61 -18.56
N SER D 104 4.92 17.18 -17.75
CA SER D 104 4.59 18.59 -17.84
C SER D 104 4.59 19.16 -16.41
N GLU D 105 5.41 20.18 -16.20
CA GLU D 105 5.57 20.78 -14.89
C GLU D 105 4.31 21.45 -14.37
N ASN D 106 3.60 22.12 -15.28
CA ASN D 106 2.36 22.80 -14.89
C ASN D 106 1.29 22.79 -15.99
N GLY D 107 1.41 21.88 -16.95
CA GLY D 107 0.36 21.65 -17.94
C GLY D 107 0.58 22.34 -19.27
N SER D 108 1.44 23.35 -19.33
CA SER D 108 1.59 24.15 -20.54
C SER D 108 2.53 23.55 -21.59
N VAL D 109 3.58 22.85 -21.13
CA VAL D 109 4.62 22.33 -22.00
C VAL D 109 4.89 20.89 -21.63
N TRP D 110 5.11 20.06 -22.66
CA TRP D 110 5.40 18.66 -22.49
C TRP D 110 6.82 18.40 -22.97
N LYS D 111 7.59 17.74 -22.11
CA LYS D 111 9.00 17.46 -22.36
C LYS D 111 9.27 16.01 -22.04
N GLU D 112 10.30 15.45 -22.66
CA GLU D 112 10.73 14.09 -22.43
C GLU D 112 11.37 13.94 -21.04
N HIS D 113 11.00 12.89 -20.32
CA HIS D 113 11.59 12.56 -19.02
C HIS D 113 12.59 11.42 -19.20
N ARG D 114 13.78 11.55 -18.61
CA ARG D 114 14.79 10.49 -18.72
C ARG D 114 15.11 9.78 -17.37
N SER D 115 15.70 10.56 -16.44
CA SER D 115 16.31 10.11 -15.15
C SER D 115 17.84 10.09 -15.23
N GLY D 118 19.54 5.85 -14.08
CA GLY D 118 18.26 5.18 -13.80
C GLY D 118 18.41 3.72 -13.35
N GLU D 119 18.28 2.79 -14.30
CA GLU D 119 18.16 1.34 -14.01
C GLU D 119 19.39 0.68 -13.38
N SER D 120 20.55 1.26 -13.63
CA SER D 120 21.80 0.75 -13.08
C SER D 120 21.87 0.92 -11.56
N TYR D 121 21.10 1.88 -11.06
CA TYR D 121 21.15 2.26 -9.66
C TYR D 121 19.90 1.87 -8.88
N LEU D 122 19.11 0.91 -9.36
CA LEU D 122 17.86 0.53 -8.68
C LEU D 122 18.09 0.11 -7.22
N ASP D 123 18.99 -0.83 -7.00
CA ASP D 123 19.32 -1.27 -5.63
C ASP D 123 19.66 -0.06 -4.75
N GLN D 124 20.49 0.82 -5.29
CA GLN D 124 20.91 2.04 -4.60
C GLN D 124 19.73 2.96 -4.30
N ILE D 125 18.83 3.13 -5.29
CA ILE D 125 17.62 3.94 -5.14
C ILE D 125 16.67 3.39 -4.06
N LEU D 126 16.57 2.07 -3.96
CA LEU D 126 15.66 1.44 -3.00
C LEU D 126 16.07 1.65 -1.51
N ASN D 127 17.33 2.01 -1.25
CA ASN D 127 17.76 2.34 0.10
C ASN D 127 17.38 1.26 1.13
N GLY D 128 17.62 0.01 0.77
CA GLY D 128 17.35 -1.15 1.62
C GLY D 128 15.87 -1.51 1.76
N MET D 129 15.03 -1.01 0.87
CA MET D 129 13.59 -1.24 0.96
C MET D 129 13.24 -2.71 0.75
N ASP D 130 12.21 -3.17 1.47
CA ASP D 130 11.71 -4.53 1.34
C ASP D 130 10.67 -4.58 0.21
N GLU D 131 11.10 -4.26 -1.01
CA GLU D 131 10.24 -4.29 -2.20
C GLU D 131 10.99 -4.89 -3.38
N GLU D 132 10.28 -5.61 -4.24
CA GLU D 132 10.89 -6.20 -5.41
C GLU D 132 10.64 -5.35 -6.63
N LEU D 133 11.65 -5.23 -7.48
CA LEU D 133 11.51 -4.60 -8.79
C LEU D 133 11.83 -5.62 -9.87
N GLY D 134 10.92 -5.75 -10.84
CA GLY D 134 11.10 -6.67 -11.95
C GLY D 134 12.11 -6.11 -12.90
N SER D 135 12.69 -6.95 -13.75
CA SER D 135 13.53 -6.48 -14.84
C SER D 135 12.71 -5.63 -15.82
N LEU D 136 13.40 -4.89 -16.68
CA LEU D 136 12.72 -4.15 -17.75
C LEU D 136 12.05 -5.14 -18.71
N GLU D 137 12.66 -6.31 -18.91
CA GLU D 137 12.08 -7.34 -19.76
C GLU D 137 10.79 -7.90 -19.19
N GLU D 138 10.76 -8.15 -17.89
CA GLU D 138 9.54 -8.58 -17.21
C GLU D 138 8.50 -7.46 -17.23
N LEU D 139 8.94 -6.22 -17.12
CA LEU D 139 8.03 -5.07 -17.20
C LEU D 139 7.39 -4.99 -18.60
N GLU D 140 8.21 -5.13 -19.64
CA GLU D 140 7.74 -5.20 -21.02
C GLU D 140 6.59 -6.20 -21.16
N LYS D 141 6.81 -7.41 -20.65
CA LYS D 141 5.80 -8.47 -20.70
C LYS D 141 4.48 -8.07 -20.03
N LYS D 142 4.57 -7.41 -18.88
CA LYS D 142 3.36 -6.97 -18.17
C LYS D 142 2.77 -5.68 -18.76
N ARG D 143 3.37 -5.16 -19.84
CA ARG D 143 3.00 -3.84 -20.41
C ARG D 143 3.02 -2.72 -19.38
N VAL D 144 4.13 -2.62 -18.67
CA VAL D 144 4.33 -1.62 -17.64
C VAL D 144 5.60 -0.83 -17.92
N CYS D 145 5.54 0.50 -17.73
CA CYS D 145 6.72 1.36 -17.86
C CYS D 145 7.19 1.86 -16.49
N ARG D 146 8.50 1.84 -16.25
CA ARG D 146 9.06 2.36 -14.99
C ARG D 146 9.62 3.77 -15.12
N ILE D 147 9.02 4.71 -14.39
CA ILE D 147 9.53 6.06 -14.28
C ILE D 147 10.34 6.18 -12.95
N ILE D 148 11.59 6.63 -13.06
CA ILE D 148 12.40 6.99 -11.90
C ILE D 148 12.52 8.51 -11.91
N THR D 149 12.03 9.15 -10.84
CA THR D 149 12.02 10.61 -10.74
C THR D 149 12.34 11.04 -9.32
N THR D 150 13.02 12.18 -9.19
CA THR D 150 13.26 12.79 -7.88
C THR D 150 12.21 13.84 -7.56
N ASP D 151 11.32 14.15 -8.51
CA ASP D 151 10.22 15.09 -8.25
C ASP D 151 8.93 14.72 -8.97
N PHE D 152 7.84 15.39 -8.59
CA PHE D 152 6.52 15.16 -9.16
C PHE D 152 6.09 16.35 -10.03
N PRO D 153 6.06 16.18 -11.36
CA PRO D 153 5.48 17.21 -12.22
C PRO D 153 3.95 17.13 -12.14
N LEU D 154 3.25 18.12 -12.70
CA LEU D 154 1.80 18.11 -12.68
C LEU D 154 1.31 16.82 -13.32
N TYR D 155 1.88 16.49 -14.49
CA TYR D 155 1.46 15.30 -15.23
C TYR D 155 2.63 14.51 -15.78
N PHE D 156 2.46 13.18 -15.83
CA PHE D 156 3.24 12.27 -16.68
C PHE D 156 2.31 11.62 -17.71
N VAL D 157 2.87 11.19 -18.83
CA VAL D 157 2.15 10.29 -19.74
C VAL D 157 3.17 9.55 -20.61
N ILE D 158 2.81 8.37 -21.07
CA ILE D 158 3.66 7.66 -22.03
C ILE D 158 3.12 7.97 -23.44
N MET D 159 4.04 8.33 -24.33
CA MET D 159 3.73 8.59 -25.73
C MET D 159 4.37 7.48 -26.54
N SER D 160 3.73 7.06 -27.62
CA SER D 160 4.41 6.20 -28.59
C SER D 160 4.70 6.99 -29.85
N ARG D 161 5.84 6.70 -30.48
CA ARG D 161 6.39 7.52 -31.60
C ARG D 161 6.48 6.79 -32.95
BR BR E . -15.45 -12.18 34.74
BR BR F . -30.84 -27.71 36.10
BR BR G . -11.48 -16.92 32.55
BR BR H . -30.21 -38.67 57.70
BR BR I . -29.23 -35.66 50.85
BR BR J . -21.34 -38.21 19.90
BR BR K . 29.30 30.93 -35.09
BR BR L . 11.44 17.18 -27.53
BR BR M . 9.60 20.45 -31.43
BR BR N . 5.62 -3.30 9.81
BR BR O . -12.96 -15.51 25.03
BR BR P . -4.33 7.90 4.55
BR BR Q . 8.36 -19.22 16.66
BR BR R . -4.69 1.03 -11.18
BR BR S . -3.68 9.01 2.21
BR BR T . 2.03 -3.80 -26.56
BR BR U . 12.13 17.51 -24.36
BR BR V . -2.75 4.43 -15.04
#